data_7YY9
#
_entry.id   7YY9
#
_cell.length_a   76.053
_cell.length_b   125.052
_cell.length_c   119.088
_cell.angle_alpha   90.000
_cell.angle_beta   90.000
_cell.angle_gamma   90.000
#
_symmetry.space_group_name_H-M   'C 2 2 21'
#
loop_
_entity.id
_entity.type
_entity.pdbx_description
1 polymer 'Phosphopantetheine adenylyltransferase'
2 non-polymer 2-azanyl-4-chloranyl-benzenecarbonitrile
3 water water
#
_entity_poly.entity_id   1
_entity_poly.type   'polypeptide(L)'
_entity_poly.pdbx_seq_one_letter_code
;SMTGAVCPGSFDPVTLGHLDVFERAAAQFDEVIVAVLINPNKAGMFTVDERIEMIRESTADLPNLRVESGQGLLVDFVRE
RGLNAIVKGLRTGTDFEYELQMAQMNKHIAGVDTFFVATAPAYSFVSSSLAKEVATYGGDVSALLPASVHQRLLGKLRGQ
AQ
;
_entity_poly.pdbx_strand_id   A,B,C
#
loop_
_chem_comp.id
_chem_comp.type
_chem_comp.name
_chem_comp.formula
I7Z non-polymer 2-azanyl-4-chloranyl-benzenecarbonitrile 'C7 H5 Cl N2'
#
# COMPACT_ATOMS: atom_id res chain seq x y z
N MET A 2 29.29 -18.76 16.67
CA MET A 2 29.09 -17.63 17.57
C MET A 2 28.08 -16.63 17.02
N THR A 3 28.41 -16.00 15.90
CA THR A 3 27.50 -15.01 15.30
C THR A 3 26.34 -15.70 14.59
N GLY A 4 25.23 -14.99 14.47
CA GLY A 4 24.07 -15.57 13.81
C GLY A 4 23.02 -14.56 13.46
N ALA A 5 22.20 -14.94 12.48
CA ALA A 5 21.06 -14.10 12.10
C ALA A 5 19.86 -14.94 11.70
N VAL A 6 18.70 -14.30 11.79
CA VAL A 6 17.43 -14.89 11.37
C VAL A 6 16.93 -14.19 10.11
N CYS A 7 16.57 -14.99 9.10
CA CYS A 7 15.97 -14.51 7.86
CA CYS A 7 15.96 -14.47 7.90
C CYS A 7 14.48 -14.84 7.87
N PRO A 8 13.62 -13.86 8.13
CA PRO A 8 12.19 -14.12 8.28
C PRO A 8 11.40 -13.92 7.02
N GLY A 9 10.25 -14.57 6.97
CA GLY A 9 9.29 -14.36 5.91
C GLY A 9 8.18 -15.38 5.95
N SER A 10 7.18 -15.18 5.10
CA SER A 10 6.12 -16.17 4.97
CA SER A 10 6.10 -16.14 4.92
C SER A 10 6.50 -17.26 3.98
N PHE A 11 7.38 -16.92 3.03
CA PHE A 11 7.92 -17.85 2.04
C PHE A 11 6.85 -18.78 1.46
N ASP A 12 5.86 -18.16 0.82
CA ASP A 12 4.67 -18.86 0.34
C ASP A 12 4.44 -18.60 -1.15
N PRO A 13 5.34 -19.12 -2.00
CA PRO A 13 6.55 -19.90 -1.78
C PRO A 13 7.82 -19.07 -1.76
N VAL A 14 8.90 -19.68 -1.30
CA VAL A 14 10.22 -19.09 -1.42
C VAL A 14 10.54 -18.81 -2.90
N THR A 15 11.20 -17.68 -3.14
CA THR A 15 11.64 -17.32 -4.50
C THR A 15 13.15 -17.32 -4.62
N LEU A 16 13.64 -17.12 -5.85
CA LEU A 16 15.10 -17.01 -6.06
C LEU A 16 15.66 -15.75 -5.40
N GLY A 17 14.84 -14.72 -5.26
CA GLY A 17 15.22 -13.53 -4.51
C GLY A 17 15.50 -13.85 -3.05
N HIS A 18 14.62 -14.64 -2.44
CA HIS A 18 14.85 -15.05 -1.06
C HIS A 18 16.09 -15.91 -0.92
N LEU A 19 16.26 -16.86 -1.83
CA LEU A 19 17.41 -17.75 -1.77
C LEU A 19 18.73 -16.97 -1.86
N ASP A 20 18.75 -15.93 -2.69
CA ASP A 20 19.92 -15.07 -2.79
C ASP A 20 20.23 -14.40 -1.45
N VAL A 21 19.20 -13.91 -0.77
CA VAL A 21 19.38 -13.35 0.56
C VAL A 21 19.91 -14.39 1.55
N PHE A 22 19.33 -15.59 1.54
CA PHE A 22 19.82 -16.66 2.44
C PHE A 22 21.31 -16.95 2.23
N GLU A 23 21.72 -17.06 0.97
CA GLU A 23 23.09 -17.38 0.65
C GLU A 23 24.02 -16.27 1.13
N ARG A 24 23.60 -15.03 0.94
CA ARG A 24 24.43 -13.93 1.36
C ARG A 24 24.52 -13.80 2.89
N ALA A 25 23.43 -14.07 3.59
CA ALA A 25 23.47 -14.10 5.05
C ALA A 25 24.36 -15.26 5.53
N ALA A 26 24.22 -16.43 4.91
CA ALA A 26 25.01 -17.60 5.35
C ALA A 26 26.50 -17.39 5.09
N ALA A 27 26.83 -16.52 4.14
CA ALA A 27 28.23 -16.23 3.87
C ALA A 27 28.84 -15.29 4.92
N GLN A 28 28.01 -14.61 5.70
CA GLN A 28 28.51 -13.55 6.58
C GLN A 28 28.26 -13.77 8.07
N PHE A 29 27.49 -14.80 8.41
CA PHE A 29 27.17 -15.13 9.80
C PHE A 29 27.48 -16.59 10.05
N ASP A 30 27.89 -16.95 11.27
CA ASP A 30 28.24 -18.35 11.51
C ASP A 30 27.05 -19.29 11.36
N GLU A 31 25.87 -18.83 11.78
CA GLU A 31 24.66 -19.62 11.59
C GLU A 31 23.53 -18.74 11.10
N VAL A 32 22.68 -19.30 10.26
CA VAL A 32 21.50 -18.60 9.79
C VAL A 32 20.28 -19.48 10.03
N ILE A 33 19.23 -18.88 10.57
CA ILE A 33 17.95 -19.56 10.69
C ILE A 33 16.93 -18.87 9.81
N VAL A 34 16.35 -19.63 8.89
CA VAL A 34 15.24 -19.15 8.10
C VAL A 34 14.00 -19.36 8.92
N ALA A 35 13.30 -18.28 9.24
CA ALA A 35 12.11 -18.34 10.07
C ALA A 35 10.88 -18.24 9.19
N VAL A 36 10.16 -19.34 9.07
CA VAL A 36 8.94 -19.39 8.27
C VAL A 36 7.80 -18.98 9.19
N LEU A 37 7.35 -17.75 9.06
CA LEU A 37 6.35 -17.21 9.96
C LEU A 37 4.94 -17.45 9.43
N ILE A 38 4.15 -18.12 10.25
CA ILE A 38 2.83 -18.63 9.88
C ILE A 38 1.76 -17.82 10.56
N ASN A 39 0.74 -17.42 9.80
CA ASN A 39 -0.43 -16.78 10.40
C ASN A 39 -1.44 -17.86 10.72
N PRO A 40 -1.68 -18.11 12.02
CA PRO A 40 -2.61 -19.20 12.34
C PRO A 40 -4.04 -18.91 11.90
N ASN A 41 -4.32 -17.69 11.48
CA ASN A 41 -5.67 -17.29 11.07
C ASN A 41 -5.87 -17.16 9.57
N LYS A 42 -4.80 -17.28 8.78
CA LYS A 42 -4.97 -17.31 7.34
C LYS A 42 -3.99 -18.28 6.69
N ALA A 43 -4.54 -19.35 6.13
CA ALA A 43 -3.73 -20.31 5.40
C ALA A 43 -3.27 -19.65 4.11
N GLY A 44 -2.02 -19.92 3.73
CA GLY A 44 -1.54 -19.43 2.47
C GLY A 44 -1.82 -20.47 1.39
N MET A 45 -1.00 -20.44 0.35
CA MET A 45 -1.10 -21.45 -0.69
C MET A 45 -0.49 -22.79 -0.27
N PHE A 46 0.62 -22.70 0.45
CA PHE A 46 1.36 -23.88 0.88
C PHE A 46 1.27 -24.06 2.38
N THR A 47 1.19 -25.31 2.83
CA THR A 47 1.23 -25.59 4.25
C THR A 47 2.64 -25.31 4.77
N VAL A 48 2.77 -25.23 6.09
CA VAL A 48 4.07 -25.00 6.70
CA VAL A 48 4.06 -24.98 6.71
C VAL A 48 5.09 -26.05 6.29
N ASP A 49 4.69 -27.32 6.31
CA ASP A 49 5.61 -28.39 5.93
C ASP A 49 6.07 -28.25 4.48
N GLU A 50 5.15 -27.87 3.61
CA GLU A 50 5.49 -27.67 2.20
C GLU A 50 6.47 -26.50 2.04
N ARG A 51 6.21 -25.40 2.75
CA ARG A 51 7.12 -24.25 2.66
C ARG A 51 8.53 -24.61 3.11
N ILE A 52 8.63 -25.34 4.21
CA ILE A 52 9.92 -25.72 4.75
C ILE A 52 10.66 -26.68 3.82
N GLU A 53 9.92 -27.63 3.26
CA GLU A 53 10.49 -28.60 2.32
C GLU A 53 11.07 -27.90 1.09
N MET A 54 10.34 -26.91 0.57
CA MET A 54 10.82 -26.21 -0.62
C MET A 54 12.06 -25.40 -0.34
N ILE A 55 12.15 -24.83 0.86
CA ILE A 55 13.36 -24.11 1.23
C ILE A 55 14.55 -25.05 1.45
N ARG A 56 14.31 -26.16 2.12
CA ARG A 56 15.41 -27.09 2.40
C ARG A 56 16.00 -27.65 1.12
N GLU A 57 15.14 -27.98 0.18
CA GLU A 57 15.61 -28.57 -1.08
C GLU A 57 16.46 -27.61 -1.89
N SER A 58 16.26 -26.31 -1.70
CA SER A 58 17.03 -25.34 -2.48
C SER A 58 18.15 -24.67 -1.67
N THR A 59 18.38 -25.13 -0.44
CA THR A 59 19.48 -24.64 0.39
C THR A 59 20.40 -25.75 0.90
N ALA A 60 20.38 -26.90 0.22
CA ALA A 60 21.15 -28.05 0.69
C ALA A 60 22.65 -27.79 0.67
N ASP A 61 23.09 -26.84 -0.16
CA ASP A 61 24.51 -26.49 -0.28
C ASP A 61 24.97 -25.47 0.76
N LEU A 62 24.07 -25.06 1.66
CA LEU A 62 24.41 -24.10 2.71
C LEU A 62 24.45 -24.78 4.08
N PRO A 63 25.64 -25.26 4.50
CA PRO A 63 25.72 -26.11 5.69
C PRO A 63 25.38 -25.42 7.00
N ASN A 64 25.50 -24.09 7.06
CA ASN A 64 25.25 -23.37 8.30
C ASN A 64 23.86 -22.75 8.36
N LEU A 65 22.98 -23.19 7.47
CA LEU A 65 21.61 -22.70 7.45
C LEU A 65 20.61 -23.77 7.89
N ARG A 66 19.65 -23.40 8.72
CA ARG A 66 18.56 -24.29 9.03
C ARG A 66 17.22 -23.57 8.96
N VAL A 67 16.15 -24.34 8.87
CA VAL A 67 14.82 -23.79 8.62
C VAL A 67 13.86 -24.19 9.72
N GLU A 68 13.19 -23.21 10.32
CA GLU A 68 12.21 -23.47 11.38
C GLU A 68 10.99 -22.58 11.22
N SER A 69 9.82 -23.05 11.61
CA SER A 69 8.65 -22.20 11.57
C SER A 69 8.35 -21.57 12.92
N GLY A 70 7.49 -20.56 12.90
CA GLY A 70 7.10 -19.86 14.10
C GLY A 70 5.90 -18.98 13.87
N GLN A 71 5.45 -18.33 14.93
CA GLN A 71 4.35 -17.36 14.84
C GLN A 71 4.50 -16.35 15.98
N GLY A 72 3.69 -15.30 15.96
CA GLY A 72 3.80 -14.28 16.99
C GLY A 72 4.93 -13.31 16.68
N LEU A 73 5.51 -12.73 17.71
CA LEU A 73 6.56 -11.72 17.51
C LEU A 73 7.85 -12.33 17.01
N LEU A 74 8.35 -11.81 15.90
CA LEU A 74 9.64 -12.24 15.37
C LEU A 74 10.76 -12.08 16.42
N VAL A 75 10.76 -10.99 17.17
CA VAL A 75 11.83 -10.78 18.14
C VAL A 75 11.88 -11.89 19.21
N ASP A 76 10.74 -12.50 19.53
CA ASP A 76 10.77 -13.64 20.46
C ASP A 76 11.42 -14.88 19.84
N PHE A 77 11.12 -15.14 18.57
CA PHE A 77 11.77 -16.22 17.84
C PHE A 77 13.29 -16.02 17.84
N VAL A 78 13.72 -14.79 17.58
CA VAL A 78 15.13 -14.48 17.50
C VAL A 78 15.82 -14.66 18.86
N ARG A 79 15.28 -14.03 19.90
CA ARG A 79 15.90 -14.07 21.24
C ARG A 79 15.89 -15.48 21.84
N GLU A 80 14.84 -16.23 21.61
CA GLU A 80 14.81 -17.57 22.20
C GLU A 80 15.88 -18.49 21.61
N ARG A 81 16.49 -18.09 20.51
CA ARG A 81 17.59 -18.85 19.92
C ARG A 81 18.94 -18.26 20.27
N GLY A 82 18.93 -17.26 21.17
CA GLY A 82 20.16 -16.65 21.63
C GLY A 82 20.78 -15.70 20.62
N LEU A 83 19.96 -15.22 19.71
CA LEU A 83 20.46 -14.32 18.67
C LEU A 83 19.87 -12.93 18.83
N ASN A 84 20.36 -11.99 18.03
CA ASN A 84 19.94 -10.60 18.20
C ASN A 84 19.94 -9.86 16.87
N ALA A 85 19.92 -10.60 15.77
CA ALA A 85 19.96 -9.98 14.44
C ALA A 85 18.98 -10.63 13.48
N ILE A 86 18.35 -9.77 12.68
CA ILE A 86 17.46 -10.13 11.59
C ILE A 86 18.13 -9.68 10.30
N VAL A 87 18.08 -10.51 9.25
CA VAL A 87 18.55 -10.12 7.92
C VAL A 87 17.39 -10.23 6.95
N LYS A 88 17.13 -9.13 6.23
CA LYS A 88 16.00 -9.00 5.32
C LYS A 88 16.44 -8.38 4.00
N GLY A 89 15.90 -8.88 2.90
CA GLY A 89 16.15 -8.25 1.61
C GLY A 89 15.22 -7.09 1.32
N LEU A 90 15.73 -6.09 0.59
CA LEU A 90 14.92 -4.94 0.16
C LEU A 90 15.11 -4.69 -1.31
N ARG A 91 14.02 -4.32 -1.98
CA ARG A 91 14.07 -3.96 -3.40
C ARG A 91 13.99 -2.45 -3.63
N THR A 92 13.17 -1.77 -2.85
CA THR A 92 12.87 -0.37 -3.17
C THR A 92 12.95 0.56 -1.97
N GLY A 93 12.95 1.86 -2.23
CA GLY A 93 12.92 2.87 -1.18
C GLY A 93 11.66 2.77 -0.38
N THR A 94 10.54 2.46 -1.04
CA THR A 94 9.28 2.22 -0.35
C THR A 94 9.41 1.06 0.64
N ASP A 95 10.03 -0.03 0.20
CA ASP A 95 10.32 -1.16 1.08
C ASP A 95 11.08 -0.69 2.32
N PHE A 96 12.09 0.12 2.07
CA PHE A 96 12.96 0.56 3.18
C PHE A 96 12.18 1.36 4.23
N GLU A 97 11.32 2.28 3.79
CA GLU A 97 10.56 3.10 4.77
C GLU A 97 9.65 2.22 5.63
N TYR A 98 9.04 1.22 5.04
CA TYR A 98 8.14 0.33 5.80
C TYR A 98 8.94 -0.57 6.74
N GLU A 99 10.01 -1.16 6.25
CA GLU A 99 10.82 -2.05 7.04
C GLU A 99 11.60 -1.30 8.12
N LEU A 100 11.96 -0.04 7.86
CA LEU A 100 12.61 0.78 8.88
C LEU A 100 11.70 0.88 10.10
N GLN A 101 10.42 1.10 9.88
CA GLN A 101 9.53 1.28 11.03
C GLN A 101 9.47 -0.01 11.85
N MET A 102 9.37 -1.14 11.16
CA MET A 102 9.33 -2.41 11.90
C MET A 102 10.67 -2.71 12.60
N ALA A 103 11.77 -2.36 11.95
CA ALA A 103 13.09 -2.54 12.52
C ALA A 103 13.29 -1.68 13.78
N GLN A 104 12.83 -0.43 13.72
CA GLN A 104 13.00 0.43 14.88
C GLN A 104 12.10 -0.02 16.01
N MET A 105 10.91 -0.51 15.68
CA MET A 105 10.05 -1.07 16.72
C MET A 105 10.68 -2.30 17.35
N ASN A 106 11.24 -3.18 16.53
CA ASN A 106 11.86 -4.41 17.04
C ASN A 106 13.07 -4.14 17.91
N LYS A 107 13.85 -3.12 17.58
CA LYS A 107 14.98 -2.72 18.40
C LYS A 107 14.48 -2.12 19.71
N HIS A 108 13.42 -1.32 19.63
CA HIS A 108 12.82 -0.71 20.82
C HIS A 108 12.31 -1.74 21.82
N ILE A 109 11.59 -2.75 21.36
CA ILE A 109 10.93 -3.64 22.30
C ILE A 109 11.81 -4.79 22.77
N ALA A 110 12.87 -5.09 22.03
CA ALA A 110 13.65 -6.29 22.33
C ALA A 110 15.14 -6.19 22.08
N GLY A 111 15.61 -5.04 21.60
CA GLY A 111 17.03 -4.86 21.39
C GLY A 111 17.58 -5.66 20.22
N VAL A 112 16.69 -6.17 19.39
CA VAL A 112 17.10 -6.94 18.20
C VAL A 112 17.37 -6.01 17.03
N ASP A 113 18.53 -6.17 16.39
CA ASP A 113 18.95 -5.34 15.24
C ASP A 113 18.49 -5.95 13.93
N THR A 114 18.38 -5.12 12.90
CA THR A 114 18.01 -5.59 11.58
C THR A 114 19.04 -5.12 10.56
N PHE A 115 19.52 -6.05 9.75
CA PHE A 115 20.42 -5.72 8.65
C PHE A 115 19.70 -5.96 7.35
N PHE A 116 19.71 -4.97 6.48
CA PHE A 116 19.06 -5.11 5.20
C PHE A 116 20.09 -5.33 4.12
N VAL A 117 19.68 -6.08 3.12
CA VAL A 117 20.55 -6.25 1.96
CA VAL A 117 20.52 -6.32 1.97
C VAL A 117 19.76 -5.93 0.70
N ALA A 118 20.46 -5.31 -0.25
CA ALA A 118 19.82 -4.95 -1.51
C ALA A 118 19.64 -6.19 -2.36
N THR A 119 18.46 -6.32 -2.95
CA THR A 119 18.16 -7.40 -3.90
C THR A 119 19.24 -7.56 -4.97
N ALA A 120 19.49 -8.80 -5.41
CA ALA A 120 20.21 -8.98 -6.68
C ALA A 120 19.39 -8.33 -7.78
N PRO A 121 20.05 -7.66 -8.73
CA PRO A 121 19.31 -7.00 -9.82
C PRO A 121 18.33 -7.91 -10.56
N ALA A 122 18.71 -9.16 -10.80
CA ALA A 122 17.93 -10.06 -11.63
C ALA A 122 16.57 -10.38 -11.00
N TYR A 123 16.49 -10.22 -9.67
CA TYR A 123 15.27 -10.54 -8.93
C TYR A 123 14.55 -9.30 -8.40
N SER A 124 14.84 -8.15 -8.98
CA SER A 124 14.23 -6.91 -8.52
C SER A 124 12.69 -6.94 -8.61
N PHE A 125 12.16 -7.78 -9.49
CA PHE A 125 10.73 -7.76 -9.75
C PHE A 125 9.99 -9.00 -9.28
N VAL A 126 10.70 -9.95 -8.65
CA VAL A 126 10.02 -11.16 -8.22
C VAL A 126 9.60 -11.01 -6.75
N SER A 127 8.37 -11.41 -6.50
CA SER A 127 7.85 -11.54 -5.16
C SER A 127 6.99 -12.79 -5.14
N SER A 128 6.81 -13.38 -3.96
CA SER A 128 5.93 -14.53 -3.85
C SER A 128 4.54 -14.20 -4.37
N SER A 129 4.01 -13.04 -4.01
CA SER A 129 2.64 -12.69 -4.38
CA SER A 129 2.64 -12.67 -4.39
C SER A 129 2.49 -12.48 -5.89
N LEU A 130 3.46 -11.81 -6.52
CA LEU A 130 3.32 -11.54 -7.95
C LEU A 130 3.56 -12.81 -8.75
N ALA A 131 4.46 -13.65 -8.28
CA ALA A 131 4.69 -14.92 -8.95
C ALA A 131 3.43 -15.79 -8.90
N LYS A 132 2.77 -15.81 -7.74
CA LYS A 132 1.51 -16.57 -7.64
C LYS A 132 0.42 -16.00 -8.54
N GLU A 133 0.29 -14.67 -8.57
CA GLU A 133 -0.74 -14.05 -9.41
C GLU A 133 -0.51 -14.30 -10.89
N VAL A 134 0.74 -14.14 -11.33
CA VAL A 134 1.06 -14.36 -12.73
C VAL A 134 0.81 -15.82 -13.08
N ALA A 135 1.25 -16.74 -12.23
CA ALA A 135 1.08 -18.16 -12.51
C ALA A 135 -0.41 -18.55 -12.54
N THR A 136 -1.21 -17.89 -11.71
CA THR A 136 -2.64 -18.19 -11.62
C THR A 136 -3.30 -17.97 -12.97
N TYR A 137 -2.78 -16.99 -13.72
CA TYR A 137 -3.37 -16.66 -15.00
C TYR A 137 -2.52 -17.16 -16.16
N GLY A 138 -1.63 -18.10 -15.86
CA GLY A 138 -0.89 -18.82 -16.88
C GLY A 138 0.44 -18.28 -17.36
N GLY A 139 0.92 -17.21 -16.72
CA GLY A 139 2.21 -16.67 -17.12
C GLY A 139 3.39 -17.55 -16.71
N ASP A 140 4.49 -17.48 -17.46
CA ASP A 140 5.65 -18.33 -17.21
C ASP A 140 6.61 -17.76 -16.15
N VAL A 141 6.61 -18.37 -14.97
CA VAL A 141 7.45 -17.90 -13.88
C VAL A 141 8.56 -18.91 -13.52
N SER A 142 8.84 -19.82 -14.44
CA SER A 142 9.81 -20.88 -14.18
C SER A 142 11.22 -20.36 -13.84
N ALA A 143 11.57 -19.17 -14.32
CA ALA A 143 12.92 -18.66 -14.12
C ALA A 143 13.08 -17.85 -12.83
N LEU A 144 11.98 -17.69 -12.09
CA LEU A 144 11.97 -16.84 -10.90
C LEU A 144 11.90 -17.63 -9.61
N LEU A 145 11.67 -18.93 -9.75
CA LEU A 145 11.47 -19.82 -8.62
C LEU A 145 12.44 -20.97 -8.71
N PRO A 146 12.89 -21.49 -7.57
CA PRO A 146 13.72 -22.70 -7.64
C PRO A 146 12.95 -23.88 -8.20
N ALA A 147 13.68 -24.88 -8.65
CA ALA A 147 13.08 -26.13 -9.11
C ALA A 147 12.19 -26.76 -8.04
N SER A 148 12.55 -26.57 -6.78
CA SER A 148 11.79 -27.16 -5.67
C SER A 148 10.39 -26.55 -5.53
N VAL A 149 10.15 -25.45 -6.26
CA VAL A 149 8.90 -24.71 -6.11
C VAL A 149 7.98 -24.72 -7.34
N HIS A 150 8.56 -24.57 -8.53
CA HIS A 150 7.76 -24.20 -9.71
C HIS A 150 6.63 -25.18 -10.02
N GLN A 151 6.96 -26.46 -10.13
CA GLN A 151 5.92 -27.40 -10.50
C GLN A 151 4.98 -27.69 -9.33
N ARG A 152 5.47 -27.59 -8.09
CA ARG A 152 4.56 -27.68 -6.94
C ARG A 152 3.55 -26.54 -6.95
N LEU A 153 4.01 -25.34 -7.34
CA LEU A 153 3.10 -24.22 -7.51
C LEU A 153 2.06 -24.50 -8.60
N LEU A 154 2.50 -24.98 -9.75
CA LEU A 154 1.53 -25.24 -10.82
C LEU A 154 0.52 -26.30 -10.38
N GLY A 155 0.98 -27.26 -9.60
CA GLY A 155 0.13 -28.29 -9.04
C GLY A 155 -0.95 -27.72 -8.13
N LYS A 156 -0.56 -26.80 -7.24
CA LYS A 156 -1.54 -26.15 -6.38
C LYS A 156 -2.60 -25.42 -7.18
N LEU A 157 -2.20 -24.78 -8.27
CA LEU A 157 -3.11 -23.99 -9.06
C LEU A 157 -4.05 -24.88 -9.87
N ARG A 158 -3.58 -26.07 -10.22
CA ARG A 158 -4.42 -27.02 -10.94
C ARG A 158 -5.11 -28.00 -10.00
N MET B 2 3.09 -0.38 -38.92
CA MET B 2 1.98 -0.21 -37.98
C MET B 2 2.44 -0.44 -36.54
N THR B 3 2.47 0.65 -35.77
CA THR B 3 2.84 0.62 -34.36
C THR B 3 1.57 0.61 -33.51
N GLY B 4 1.69 0.22 -32.24
CA GLY B 4 0.51 0.19 -31.39
C GLY B 4 0.77 -0.07 -29.93
N ALA B 5 -0.20 0.29 -29.10
CA ALA B 5 -0.09 0.05 -27.66
C ALA B 5 -1.44 -0.15 -27.02
N VAL B 6 -1.42 -0.84 -25.87
CA VAL B 6 -2.58 -1.08 -25.08
C VAL B 6 -2.57 -0.22 -23.81
N CYS B 7 -3.68 0.43 -23.53
CA CYS B 7 -3.83 1.20 -22.29
CA CYS B 7 -3.86 1.24 -22.31
C CYS B 7 -4.83 0.52 -21.37
N PRO B 8 -4.32 -0.16 -20.33
CA PRO B 8 -5.13 -0.99 -19.44
C PRO B 8 -5.65 -0.26 -18.23
N GLY B 9 -6.79 -0.71 -17.71
CA GLY B 9 -7.30 -0.20 -16.46
C GLY B 9 -8.68 -0.74 -16.15
N SER B 10 -9.17 -0.41 -14.96
CA SER B 10 -10.56 -0.73 -14.63
C SER B 10 -11.50 0.39 -15.09
N PHE B 11 -11.00 1.64 -15.08
CA PHE B 11 -11.77 2.80 -15.55
C PHE B 11 -13.19 2.85 -15.01
N ASP B 12 -13.30 2.90 -13.68
CA ASP B 12 -14.57 2.77 -12.97
C ASP B 12 -14.89 3.98 -12.10
N PRO B 13 -15.15 5.15 -12.70
CA PRO B 13 -15.26 5.46 -14.13
C PRO B 13 -13.97 6.08 -14.68
N VAL B 14 -13.90 6.19 -16.00
CA VAL B 14 -12.82 6.91 -16.64
C VAL B 14 -12.78 8.35 -16.15
N THR B 15 -11.57 8.87 -15.93
CA THR B 15 -11.41 10.25 -15.47
C THR B 15 -10.70 11.09 -16.52
N LEU B 16 -10.60 12.39 -16.27
CA LEU B 16 -9.87 13.23 -17.22
C LEU B 16 -8.38 12.91 -17.22
N GLY B 17 -7.85 12.35 -16.14
CA GLY B 17 -6.48 11.90 -16.13
C GLY B 17 -6.27 10.74 -17.09
N HIS B 18 -7.18 9.78 -17.07
CA HIS B 18 -7.14 8.68 -18.03
C HIS B 18 -7.23 9.20 -19.47
N LEU B 19 -8.15 10.13 -19.69
CA LEU B 19 -8.40 10.61 -21.03
C LEU B 19 -7.15 11.29 -21.58
N ASP B 20 -6.44 12.00 -20.70
CA ASP B 20 -5.21 12.68 -21.10
C ASP B 20 -4.18 11.65 -21.57
N VAL B 21 -4.04 10.56 -20.83
CA VAL B 21 -3.18 9.47 -21.25
C VAL B 21 -3.62 8.87 -22.60
N PHE B 22 -4.92 8.61 -22.77
CA PHE B 22 -5.41 8.08 -24.04
C PHE B 22 -5.06 8.97 -25.22
N GLU B 23 -5.26 10.28 -25.05
CA GLU B 23 -4.96 11.25 -26.09
C GLU B 23 -3.49 11.24 -26.45
N ARG B 24 -2.65 11.19 -25.43
CA ARG B 24 -1.23 11.21 -25.68
C ARG B 24 -0.74 9.93 -26.33
N ALA B 25 -1.30 8.79 -25.93
CA ALA B 25 -0.95 7.56 -26.60
C ALA B 25 -1.42 7.55 -28.06
N ALA B 26 -2.64 8.02 -28.29
CA ALA B 26 -3.19 8.01 -29.65
C ALA B 26 -2.40 8.94 -30.57
N ALA B 27 -1.74 9.95 -30.00
CA ALA B 27 -0.94 10.87 -30.79
C ALA B 27 0.39 10.26 -31.23
N GLN B 28 0.82 9.20 -30.58
CA GLN B 28 2.18 8.67 -30.83
C GLN B 28 2.26 7.25 -31.38
N PHE B 29 1.14 6.54 -31.36
CA PHE B 29 1.10 5.16 -31.87
C PHE B 29 0.05 5.06 -32.97
N ASP B 30 0.25 4.21 -33.98
CA ASP B 30 -0.71 4.12 -35.07
C ASP B 30 -2.06 3.61 -34.57
N GLU B 31 -2.04 2.71 -33.59
CA GLU B 31 -3.26 2.21 -33.00
C GLU B 31 -3.13 2.07 -31.49
N VAL B 32 -4.23 2.38 -30.80
CA VAL B 32 -4.30 2.24 -29.36
C VAL B 32 -5.54 1.44 -29.04
N ILE B 33 -5.38 0.46 -28.16
CA ILE B 33 -6.51 -0.26 -27.62
C ILE B 33 -6.62 0.01 -26.14
N VAL B 34 -7.74 0.55 -25.70
CA VAL B 34 -8.02 0.67 -24.28
C VAL B 34 -8.62 -0.64 -23.81
N ALA B 35 -7.97 -1.27 -22.83
CA ALA B 35 -8.42 -2.55 -22.30
C ALA B 35 -9.09 -2.36 -20.95
N VAL B 36 -10.40 -2.60 -20.92
CA VAL B 36 -11.21 -2.43 -19.72
C VAL B 36 -11.30 -3.75 -19.00
N LEU B 37 -10.77 -3.82 -17.79
CA LEU B 37 -10.57 -5.13 -17.21
C LEU B 37 -11.86 -5.63 -16.54
N ILE B 38 -12.21 -6.88 -16.82
CA ILE B 38 -13.35 -7.47 -16.15
C ILE B 38 -12.78 -8.30 -14.99
N ASN B 39 -13.28 -8.01 -13.80
CA ASN B 39 -12.79 -8.65 -12.59
C ASN B 39 -13.94 -9.35 -11.89
N PRO B 40 -13.95 -10.68 -11.94
CA PRO B 40 -15.02 -11.52 -11.39
C PRO B 40 -15.21 -11.34 -9.89
N ASN B 41 -14.16 -10.89 -9.21
CA ASN B 41 -14.19 -10.74 -7.76
C ASN B 41 -14.87 -9.45 -7.31
N LYS B 42 -14.21 -8.31 -7.56
CA LYS B 42 -14.75 -7.03 -7.15
C LYS B 42 -15.54 -6.36 -8.28
N ALA B 43 -16.87 -6.38 -8.16
CA ALA B 43 -17.73 -5.68 -9.11
C ALA B 43 -17.97 -4.26 -8.61
N GLY B 44 -17.29 -3.31 -9.25
CA GLY B 44 -17.34 -1.92 -8.84
C GLY B 44 -18.66 -1.21 -9.09
N MET B 45 -18.57 0.07 -9.40
CA MET B 45 -19.75 0.91 -9.52
C MET B 45 -20.45 0.76 -10.87
N PHE B 46 -19.67 0.71 -11.94
CA PHE B 46 -20.23 0.63 -13.29
C PHE B 46 -19.96 -0.73 -13.92
N THR B 47 -20.90 -1.23 -14.73
CA THR B 47 -20.69 -2.47 -15.45
C THR B 47 -19.62 -2.26 -16.52
N VAL B 48 -19.03 -3.35 -17.00
CA VAL B 48 -18.02 -3.24 -18.05
C VAL B 48 -18.59 -2.51 -19.27
N ASP B 49 -19.82 -2.83 -19.65
CA ASP B 49 -20.40 -2.19 -20.81
C ASP B 49 -20.61 -0.69 -20.58
N GLU B 50 -21.01 -0.32 -19.35
CA GLU B 50 -21.14 1.08 -19.00
C GLU B 50 -19.79 1.79 -19.10
N ARG B 51 -18.76 1.14 -18.58
CA ARG B 51 -17.40 1.70 -18.60
CA ARG B 51 -17.42 1.71 -18.60
C ARG B 51 -16.90 1.91 -20.02
N ILE B 52 -17.13 0.92 -20.89
CA ILE B 52 -16.76 1.02 -22.31
C ILE B 52 -17.50 2.17 -23.00
N GLU B 53 -18.80 2.28 -22.75
CA GLU B 53 -19.60 3.35 -23.31
C GLU B 53 -19.09 4.74 -22.91
N MET B 54 -18.74 4.89 -21.64
CA MET B 54 -18.24 6.17 -21.17
C MET B 54 -16.91 6.53 -21.81
N ILE B 55 -16.05 5.53 -21.98
CA ILE B 55 -14.77 5.77 -22.63
C ILE B 55 -14.97 6.11 -24.11
N ARG B 56 -15.86 5.40 -24.79
CA ARG B 56 -16.11 5.69 -26.20
C ARG B 56 -16.67 7.09 -26.42
N GLU B 57 -17.57 7.52 -25.53
CA GLU B 57 -18.05 8.89 -25.60
C GLU B 57 -16.91 9.89 -25.45
N SER B 58 -16.02 9.63 -24.50
CA SER B 58 -14.96 10.58 -24.20
C SER B 58 -13.84 10.59 -25.24
N THR B 59 -13.76 9.53 -26.05
CA THR B 59 -12.67 9.40 -27.02
C THR B 59 -13.17 9.45 -28.45
N ALA B 60 -14.33 10.06 -28.65
CA ALA B 60 -14.96 10.10 -29.95
C ALA B 60 -14.08 10.74 -31.03
N ASP B 61 -13.20 11.64 -30.64
CA ASP B 61 -12.32 12.30 -31.62
CA ASP B 61 -12.30 12.33 -31.56
C ASP B 61 -10.98 11.61 -31.81
N LEU B 62 -10.85 10.39 -31.30
CA LEU B 62 -9.62 9.61 -31.48
C LEU B 62 -9.86 8.40 -32.38
N PRO B 63 -9.67 8.59 -33.69
CA PRO B 63 -10.12 7.53 -34.62
C PRO B 63 -9.26 6.27 -34.55
N ASN B 64 -8.02 6.39 -34.09
CA ASN B 64 -7.11 5.26 -34.04
C ASN B 64 -7.11 4.56 -32.67
N LEU B 65 -8.07 4.93 -31.83
CA LEU B 65 -8.23 4.32 -30.51
C LEU B 65 -9.53 3.54 -30.46
N ARG B 66 -9.47 2.29 -30.00
CA ARG B 66 -10.68 1.52 -29.79
C ARG B 66 -10.69 0.98 -28.38
N VAL B 67 -11.88 0.59 -27.94
CA VAL B 67 -12.12 0.18 -26.55
C VAL B 67 -12.65 -1.25 -26.53
N GLU B 68 -12.02 -2.12 -25.73
CA GLU B 68 -12.42 -3.51 -25.62
C GLU B 68 -12.31 -3.98 -24.18
N SER B 69 -13.11 -4.98 -23.80
CA SER B 69 -12.98 -5.54 -22.48
C SER B 69 -11.93 -6.65 -22.50
N GLY B 70 -11.36 -6.94 -21.35
CA GLY B 70 -10.37 -7.98 -21.26
C GLY B 70 -10.42 -8.65 -19.90
N GLN B 71 -9.89 -9.85 -19.84
CA GLN B 71 -9.90 -10.65 -18.64
C GLN B 71 -8.61 -11.43 -18.54
N GLY B 72 -8.11 -11.64 -17.33
CA GLY B 72 -6.94 -12.47 -17.13
C GLY B 72 -5.64 -11.72 -17.31
N LEU B 73 -4.67 -12.40 -17.91
CA LEU B 73 -3.30 -11.91 -18.02
C LEU B 73 -3.17 -10.82 -19.07
N LEU B 74 -2.74 -9.62 -18.68
CA LEU B 74 -2.69 -8.51 -19.61
C LEU B 74 -1.80 -8.78 -20.82
N VAL B 75 -0.65 -9.41 -20.62
CA VAL B 75 0.24 -9.64 -21.75
C VAL B 75 -0.35 -10.61 -22.77
N ASP B 76 -1.28 -11.48 -22.36
CA ASP B 76 -1.98 -12.30 -23.34
C ASP B 76 -2.90 -11.45 -24.21
N PHE B 77 -3.64 -10.54 -23.56
CA PHE B 77 -4.50 -9.59 -24.27
C PHE B 77 -3.68 -8.82 -25.30
N VAL B 78 -2.53 -8.33 -24.89
CA VAL B 78 -1.68 -7.53 -25.78
C VAL B 78 -1.19 -8.33 -26.98
N ARG B 79 -0.66 -9.51 -26.72
CA ARG B 79 -0.09 -10.34 -27.81
C ARG B 79 -1.15 -10.92 -28.73
N GLU B 80 -2.33 -11.22 -28.20
CA GLU B 80 -3.41 -11.78 -29.03
C GLU B 80 -3.81 -10.75 -30.09
N ARG B 81 -3.52 -9.49 -29.85
CA ARG B 81 -3.88 -8.44 -30.78
C ARG B 81 -2.70 -7.97 -31.61
N GLY B 82 -1.64 -8.76 -31.61
CA GLY B 82 -0.47 -8.50 -32.43
C GLY B 82 0.37 -7.33 -31.98
N LEU B 83 0.22 -6.93 -30.73
CA LEU B 83 0.96 -5.81 -30.18
C LEU B 83 1.95 -6.27 -29.12
N ASN B 84 2.82 -5.38 -28.68
CA ASN B 84 3.74 -5.77 -27.61
CA ASN B 84 3.91 -5.70 -27.78
C ASN B 84 4.22 -4.55 -26.81
N ALA B 85 3.28 -3.61 -26.65
CA ALA B 85 3.51 -2.43 -25.83
C ALA B 85 2.26 -2.08 -25.02
N ILE B 86 2.51 -1.66 -23.79
CA ILE B 86 1.48 -1.15 -22.84
C ILE B 86 1.83 0.32 -22.58
N VAL B 87 0.82 1.19 -22.51
CA VAL B 87 1.05 2.60 -22.13
C VAL B 87 0.20 2.89 -20.90
N LYS B 88 0.83 3.43 -19.87
CA LYS B 88 0.10 3.74 -18.61
C LYS B 88 0.54 5.09 -18.07
N GLY B 89 -0.37 5.74 -17.39
CA GLY B 89 -0.03 7.00 -16.73
C GLY B 89 0.50 6.78 -15.32
N LEU B 90 1.40 7.65 -14.90
CA LEU B 90 1.98 7.61 -13.55
C LEU B 90 1.87 8.96 -12.86
N ARG B 91 1.56 8.97 -11.57
CA ARG B 91 1.48 10.24 -10.84
C ARG B 91 2.66 10.47 -9.90
N THR B 92 3.14 9.42 -9.25
CA THR B 92 4.17 9.59 -8.22
C THR B 92 5.31 8.61 -8.34
N GLY B 93 6.38 8.89 -7.60
CA GLY B 93 7.49 7.97 -7.47
C GLY B 93 7.08 6.62 -6.90
N THR B 94 6.17 6.62 -5.93
CA THR B 94 5.65 5.36 -5.39
C THR B 94 4.97 4.56 -6.50
N ASP B 95 4.18 5.24 -7.32
CA ASP B 95 3.54 4.63 -8.49
C ASP B 95 4.55 3.91 -9.35
N PHE B 96 5.64 4.64 -9.62
CA PHE B 96 6.68 4.11 -10.52
C PHE B 96 7.29 2.82 -9.95
N GLU B 97 7.57 2.78 -8.64
CA GLU B 97 8.22 1.59 -8.00
C GLU B 97 7.35 0.34 -8.17
N TYR B 98 6.07 0.46 -7.90
CA TYR B 98 5.16 -0.70 -8.03
C TYR B 98 4.95 -1.08 -9.50
N GLU B 99 4.73 -0.08 -10.35
CA GLU B 99 4.54 -0.32 -11.76
C GLU B 99 5.82 -0.82 -12.44
N LEU B 100 6.98 -0.43 -11.93
CA LEU B 100 8.23 -0.93 -12.49
C LEU B 100 8.31 -2.45 -12.31
N GLN B 101 7.92 -2.94 -11.15
CA GLN B 101 7.93 -4.38 -10.87
CA GLN B 101 8.00 -4.37 -10.93
C GLN B 101 7.05 -5.10 -11.87
N MET B 102 5.85 -4.58 -12.05
CA MET B 102 4.89 -5.14 -13.01
C MET B 102 5.44 -5.09 -14.43
N ALA B 103 6.07 -3.96 -14.78
CA ALA B 103 6.61 -3.82 -16.13
C ALA B 103 7.75 -4.79 -16.42
N GLN B 104 8.63 -4.96 -15.44
CA GLN B 104 9.72 -5.89 -15.62
C GLN B 104 9.24 -7.33 -15.70
N MET B 105 8.23 -7.64 -14.88
CA MET B 105 7.60 -8.96 -14.93
C MET B 105 6.94 -9.22 -16.28
N ASN B 106 6.21 -8.24 -16.80
CA ASN B 106 5.54 -8.41 -18.09
C ASN B 106 6.53 -8.55 -19.23
N LYS B 107 7.65 -7.82 -19.14
CA LYS B 107 8.66 -7.94 -20.17
C LYS B 107 9.36 -9.31 -20.09
N HIS B 108 9.59 -9.81 -18.86
CA HIS B 108 10.22 -11.10 -18.65
C HIS B 108 9.37 -12.25 -19.16
N ILE B 109 8.08 -12.24 -18.84
CA ILE B 109 7.23 -13.40 -19.15
C ILE B 109 6.73 -13.39 -20.60
N ALA B 110 6.68 -12.24 -21.27
CA ALA B 110 6.02 -12.21 -22.59
C ALA B 110 6.67 -11.29 -23.62
N GLY B 111 7.71 -10.58 -23.23
CA GLY B 111 8.42 -9.71 -24.16
C GLY B 111 7.67 -8.42 -24.45
N VAL B 112 6.67 -8.13 -23.64
CA VAL B 112 5.84 -6.94 -23.81
C VAL B 112 6.42 -5.80 -23.02
N ASP B 113 6.63 -4.67 -23.69
CA ASP B 113 7.22 -3.49 -23.06
C ASP B 113 6.15 -2.56 -22.51
N THR B 114 6.55 -1.64 -21.64
CA THR B 114 5.62 -0.70 -21.01
C THR B 114 6.22 0.69 -21.10
N PHE B 115 5.42 1.63 -21.62
CA PHE B 115 5.79 3.03 -21.67
C PHE B 115 4.93 3.82 -20.72
N PHE B 116 5.55 4.59 -19.86
CA PHE B 116 4.83 5.36 -18.86
C PHE B 116 4.80 6.82 -19.27
N VAL B 117 3.71 7.50 -18.96
CA VAL B 117 3.67 8.94 -19.14
C VAL B 117 3.30 9.62 -17.83
N ALA B 118 3.94 10.76 -17.58
CA ALA B 118 3.66 11.55 -16.41
C ALA B 118 2.31 12.22 -16.54
N THR B 119 1.56 12.17 -15.45
CA THR B 119 0.30 12.87 -15.36
C THR B 119 0.40 14.34 -15.81
N ALA B 120 -0.67 14.84 -16.43
CA ALA B 120 -0.80 16.28 -16.59
C ALA B 120 -0.91 16.85 -15.19
N PRO B 121 -0.29 18.01 -14.93
CA PRO B 121 -0.30 18.59 -13.59
C PRO B 121 -1.70 18.71 -12.99
N ALA B 122 -2.66 19.16 -13.80
CA ALA B 122 -4.01 19.41 -13.33
C ALA B 122 -4.69 18.16 -12.75
N TYR B 123 -4.24 16.98 -13.16
CA TYR B 123 -4.93 15.74 -12.76
C TYR B 123 -4.11 14.88 -11.82
N SER B 124 -3.09 15.47 -11.23
CA SER B 124 -2.18 14.77 -10.34
C SER B 124 -2.91 14.11 -9.16
N PHE B 125 -4.05 14.67 -8.79
CA PHE B 125 -4.74 14.22 -7.59
C PHE B 125 -6.04 13.46 -7.90
N VAL B 126 -6.36 13.29 -9.18
CA VAL B 126 -7.62 12.60 -9.43
C VAL B 126 -7.38 11.11 -9.68
N SER B 127 -8.29 10.31 -9.13
CA SER B 127 -8.34 8.88 -9.37
C SER B 127 -9.81 8.51 -9.39
N SER B 128 -10.12 7.40 -10.04
CA SER B 128 -11.48 6.87 -10.01
C SER B 128 -12.00 6.67 -8.60
N SER B 129 -11.19 6.06 -7.74
CA SER B 129 -11.60 5.75 -6.38
CA SER B 129 -11.63 5.74 -6.39
C SER B 129 -11.87 7.01 -5.56
N LEU B 130 -10.97 7.98 -5.62
CA LEU B 130 -11.17 9.17 -4.81
C LEU B 130 -12.32 10.03 -5.36
N ALA B 131 -12.48 10.07 -6.67
CA ALA B 131 -13.61 10.79 -7.26
C ALA B 131 -14.94 10.19 -6.79
N LYS B 132 -15.04 8.85 -6.79
CA LYS B 132 -16.27 8.20 -6.35
C LYS B 132 -16.53 8.48 -4.88
N GLU B 133 -15.48 8.39 -4.06
CA GLU B 133 -15.64 8.61 -2.62
C GLU B 133 -16.12 10.03 -2.34
N VAL B 134 -15.46 11.02 -2.93
CA VAL B 134 -15.86 12.40 -2.77
C VAL B 134 -17.29 12.63 -3.24
N ALA B 135 -17.63 12.11 -4.41
CA ALA B 135 -18.98 12.30 -4.96
C ALA B 135 -20.05 11.66 -4.09
N THR B 136 -19.70 10.54 -3.45
CA THR B 136 -20.66 9.82 -2.61
C THR B 136 -21.18 10.70 -1.48
N TYR B 137 -20.34 11.62 -1.03
CA TYR B 137 -20.70 12.51 0.07
C TYR B 137 -21.00 13.93 -0.40
N GLY B 138 -21.32 14.09 -1.67
CA GLY B 138 -21.80 15.36 -2.17
C GLY B 138 -20.73 16.36 -2.59
N GLY B 139 -19.49 15.92 -2.62
CA GLY B 139 -18.42 16.76 -3.13
C GLY B 139 -18.52 16.90 -4.64
N ASP B 140 -18.06 18.03 -5.17
CA ASP B 140 -18.20 18.34 -6.59
C ASP B 140 -16.94 17.93 -7.38
N VAL B 141 -17.05 16.85 -8.16
CA VAL B 141 -15.92 16.35 -8.92
C VAL B 141 -16.11 16.55 -10.42
N SER B 142 -17.03 17.45 -10.77
CA SER B 142 -17.38 17.67 -12.18
C SER B 142 -16.21 18.16 -13.03
N ALA B 143 -15.23 18.84 -12.43
CA ALA B 143 -14.08 19.34 -13.18
C ALA B 143 -13.01 18.28 -13.41
N LEU B 144 -13.24 17.09 -12.87
CA LEU B 144 -12.24 16.01 -12.88
C LEU B 144 -12.62 14.85 -13.79
N LEU B 145 -13.85 14.90 -14.30
CA LEU B 145 -14.42 13.81 -15.07
C LEU B 145 -14.96 14.34 -16.38
N PRO B 146 -14.96 13.49 -17.43
CA PRO B 146 -15.62 13.90 -18.66
C PRO B 146 -17.09 14.24 -18.38
N ALA B 147 -17.67 15.13 -19.19
CA ALA B 147 -19.02 15.64 -18.94
C ALA B 147 -20.08 14.55 -18.77
N SER B 148 -20.00 13.54 -19.62
CA SER B 148 -21.00 12.48 -19.63
C SER B 148 -20.86 11.56 -18.43
N VAL B 149 -19.61 11.27 -18.04
CA VAL B 149 -19.37 10.47 -16.84
C VAL B 149 -20.03 11.08 -15.62
N HIS B 150 -19.89 12.41 -15.49
CA HIS B 150 -20.41 13.08 -14.30
C HIS B 150 -21.92 12.91 -14.20
N GLN B 151 -22.60 13.01 -15.33
CA GLN B 151 -24.05 12.81 -15.39
C GLN B 151 -24.42 11.38 -14.99
N ARG B 152 -23.69 10.40 -15.52
CA ARG B 152 -23.91 8.99 -15.20
C ARG B 152 -23.63 8.67 -13.73
N LEU B 153 -22.64 9.36 -13.18
CA LEU B 153 -22.24 9.16 -11.79
C LEU B 153 -23.31 9.66 -10.81
N LEU B 154 -23.89 10.82 -11.12
CA LEU B 154 -24.98 11.36 -10.33
C LEU B 154 -26.16 10.41 -10.34
N GLY B 155 -26.36 9.69 -11.43
CA GLY B 155 -27.49 8.73 -11.44
C GLY B 155 -27.22 7.52 -10.56
N LYS B 156 -26.00 7.00 -10.60
CA LYS B 156 -25.67 5.82 -9.79
C LYS B 156 -25.78 6.18 -8.32
N LEU B 157 -25.64 7.45 -7.98
CA LEU B 157 -25.62 7.79 -6.57
C LEU B 157 -27.02 7.94 -5.98
N ARG B 158 -28.00 8.31 -6.82
CA ARG B 158 -29.37 8.47 -6.34
C ARG B 158 -30.01 7.12 -5.99
N MET C 2 -8.54 35.20 14.53
CA MET C 2 -9.25 33.96 14.81
C MET C 2 -8.76 32.81 13.92
N THR C 3 -7.54 32.35 14.17
CA THR C 3 -6.97 31.25 13.37
C THR C 3 -7.41 29.89 13.93
N GLY C 4 -7.32 28.85 13.11
CA GLY C 4 -7.74 27.53 13.56
C GLY C 4 -7.42 26.41 12.60
N ALA C 5 -7.28 25.20 13.13
CA ALA C 5 -7.04 24.02 12.31
C ALA C 5 -7.65 22.79 12.91
N VAL C 6 -7.90 21.80 12.04
CA VAL C 6 -8.47 20.52 12.41
C VAL C 6 -7.40 19.44 12.26
N CYS C 7 -7.25 18.62 13.28
CA CYS C 7 -6.35 17.47 13.26
C CYS C 7 -7.16 16.18 13.17
N PRO C 8 -7.18 15.56 11.99
CA PRO C 8 -8.03 14.39 11.75
C PRO C 8 -7.35 13.05 11.97
N GLY C 9 -8.13 12.02 12.28
CA GLY C 9 -7.61 10.68 12.37
C GLY C 9 -8.63 9.72 12.92
N SER C 10 -8.30 8.43 12.91
CA SER C 10 -9.11 7.45 13.58
C SER C 10 -8.71 7.33 15.05
N PHE C 11 -7.44 7.58 15.35
CA PHE C 11 -6.91 7.55 16.73
C PHE C 11 -7.38 6.34 17.53
N ASP C 12 -7.02 5.16 17.06
CA ASP C 12 -7.49 3.92 17.64
C ASP C 12 -6.35 3.01 18.13
N PRO C 13 -5.66 3.41 19.21
CA PRO C 13 -5.84 4.60 20.03
C PRO C 13 -4.88 5.72 19.66
N VAL C 14 -5.10 6.88 20.25
CA VAL C 14 -4.16 7.97 20.12
C VAL C 14 -2.80 7.55 20.68
N THR C 15 -1.73 7.91 19.98
CA THR C 15 -0.37 7.62 20.40
C THR C 15 0.36 8.90 20.80
N LEU C 16 1.58 8.77 21.31
CA LEU C 16 2.38 9.93 21.64
C LEU C 16 2.78 10.71 20.38
N GLY C 17 2.85 10.02 19.25
CA GLY C 17 3.06 10.67 17.96
C GLY C 17 1.93 11.62 17.63
N HIS C 18 0.69 11.16 17.79
CA HIS C 18 -0.47 12.04 17.59
C HIS C 18 -0.47 13.22 18.55
N LEU C 19 -0.24 12.94 19.83
CA LEU C 19 -0.25 13.98 20.83
CA LEU C 19 -0.25 13.97 20.85
C LEU C 19 0.78 15.06 20.53
N ASP C 20 1.94 14.65 20.05
CA ASP C 20 2.98 15.59 19.68
C ASP C 20 2.45 16.54 18.59
N VAL C 21 1.77 15.98 17.61
CA VAL C 21 1.18 16.81 16.55
C VAL C 21 0.12 17.76 17.11
N PHE C 22 -0.74 17.25 18.00
CA PHE C 22 -1.77 18.12 18.60
C PHE C 22 -1.16 19.31 19.32
N GLU C 23 -0.11 19.05 20.10
CA GLU C 23 0.55 20.09 20.88
C GLU C 23 1.17 21.13 19.97
N ARG C 24 1.74 20.67 18.87
CA ARG C 24 2.38 21.57 17.92
CA ARG C 24 2.40 21.60 17.96
C ARG C 24 1.36 22.42 17.18
N ALA C 25 0.23 21.81 16.82
CA ALA C 25 -0.86 22.56 16.20
C ALA C 25 -1.41 23.58 17.20
N ALA C 26 -1.62 23.15 18.44
CA ALA C 26 -2.18 24.05 19.45
C ALA C 26 -1.26 25.24 19.77
N ALA C 27 0.04 25.08 19.53
CA ALA C 27 0.99 26.15 19.77
C ALA C 27 0.99 27.22 18.67
N GLN C 28 0.39 26.90 17.52
CA GLN C 28 0.52 27.78 16.35
C GLN C 28 -0.81 28.30 15.81
N PHE C 29 -1.93 27.76 16.31
CA PHE C 29 -3.26 28.18 15.89
C PHE C 29 -4.08 28.49 17.14
N ASP C 30 -4.96 29.48 17.08
CA ASP C 30 -5.75 29.86 18.25
C ASP C 30 -6.72 28.78 18.69
N GLU C 31 -7.20 27.99 17.74
CA GLU C 31 -8.23 27.01 17.95
C GLU C 31 -7.81 25.71 17.26
N VAL C 32 -7.83 24.59 17.98
CA VAL C 32 -7.61 23.31 17.34
C VAL C 32 -8.76 22.35 17.64
N ILE C 33 -9.28 21.70 16.61
CA ILE C 33 -10.27 20.65 16.79
C ILE C 33 -9.69 19.33 16.33
N VAL C 34 -9.63 18.36 17.23
CA VAL C 34 -9.29 17.00 16.85
C VAL C 34 -10.53 16.32 16.35
N ALA C 35 -10.49 15.83 15.12
CA ALA C 35 -11.63 15.20 14.48
C ALA C 35 -11.47 13.69 14.49
N VAL C 36 -12.29 13.02 15.28
CA VAL C 36 -12.20 11.57 15.40
C VAL C 36 -13.18 10.91 14.43
N LEU C 37 -12.65 10.13 13.50
CA LEU C 37 -13.45 9.52 12.46
C LEU C 37 -14.38 8.42 12.97
N ILE C 38 -15.64 8.49 12.56
CA ILE C 38 -16.57 7.37 12.71
C ILE C 38 -16.65 6.68 11.36
N ASN C 39 -16.19 5.42 11.31
CA ASN C 39 -15.95 4.79 10.01
C ASN C 39 -16.66 3.45 9.75
N PRO C 40 -17.57 3.06 10.65
CA PRO C 40 -18.35 1.82 10.75
C PRO C 40 -18.48 1.02 9.46
N ALA C 43 -14.03 -1.04 11.51
CA ALA C 43 -13.87 -2.07 12.53
C ALA C 43 -12.56 -1.87 13.30
N GLY C 44 -12.68 -1.37 14.52
CA GLY C 44 -11.52 -1.06 15.34
C GLY C 44 -11.60 -1.61 16.75
N MET C 45 -10.66 -1.17 17.59
CA MET C 45 -10.55 -1.68 18.95
C MET C 45 -11.35 -0.88 19.97
N PHE C 46 -11.31 0.45 19.84
CA PHE C 46 -12.00 1.33 20.77
C PHE C 46 -13.21 2.00 20.12
N THR C 47 -14.26 2.22 20.90
CA THR C 47 -15.42 2.94 20.38
C THR C 47 -15.05 4.40 20.20
N VAL C 48 -15.83 5.11 19.40
CA VAL C 48 -15.61 6.54 19.19
C VAL C 48 -15.57 7.28 20.51
N ASP C 49 -16.51 6.97 21.40
CA ASP C 49 -16.53 7.59 22.72
C ASP C 49 -15.25 7.33 23.49
N GLU C 50 -14.76 6.09 23.46
CA GLU C 50 -13.54 5.76 24.18
C GLU C 50 -12.35 6.53 23.58
N ARG C 51 -12.31 6.64 22.25
CA ARG C 51 -11.22 7.33 21.58
C ARG C 51 -11.21 8.82 21.93
N ILE C 52 -12.39 9.41 21.95
CA ILE C 52 -12.54 10.80 22.36
C ILE C 52 -12.08 11.02 23.79
N GLU C 53 -12.53 10.16 24.71
CA GLU C 53 -12.15 10.24 26.11
C GLU C 53 -10.64 10.18 26.29
N MET C 54 -10.01 9.24 25.58
CA MET C 54 -8.57 9.07 25.68
C MET C 54 -7.82 10.30 25.19
N ILE C 55 -8.31 10.94 24.15
CA ILE C 55 -7.66 12.13 23.65
C ILE C 55 -7.87 13.31 24.60
N ARG C 56 -9.09 13.46 25.11
CA ARG C 56 -9.37 14.52 26.08
C ARG C 56 -8.50 14.38 27.32
N GLU C 57 -8.36 13.15 27.83
CA GLU C 57 -7.50 12.86 28.98
C GLU C 57 -6.06 13.32 28.75
N SER C 58 -5.57 13.07 27.53
CA SER C 58 -4.18 13.32 27.21
C SER C 58 -3.89 14.76 26.78
N THR C 59 -4.94 15.54 26.56
CA THR C 59 -4.77 16.92 26.08
C THR C 59 -5.30 17.94 27.08
N ALA C 60 -5.34 17.57 28.35
CA ALA C 60 -5.92 18.43 29.37
C ALA C 60 -5.15 19.73 29.53
N ASP C 61 -3.88 19.73 29.15
CA ASP C 61 -3.03 20.90 29.28
C ASP C 61 -3.04 21.79 28.04
N LEU C 62 -3.91 21.47 27.09
CA LEU C 62 -4.07 22.29 25.87
C LEU C 62 -5.42 22.98 25.87
N PRO C 63 -5.49 24.20 26.43
CA PRO C 63 -6.77 24.89 26.66
C PRO C 63 -7.51 25.26 25.37
N ASN C 64 -6.77 25.37 24.28
CA ASN C 64 -7.37 25.79 23.01
C ASN C 64 -7.67 24.62 22.06
N LEU C 65 -7.72 23.41 22.60
CA LEU C 65 -8.01 22.22 21.83
C LEU C 65 -9.30 21.57 22.30
N ARG C 66 -10.13 21.14 21.36
CA ARG C 66 -11.28 20.33 21.69
C ARG C 66 -11.37 19.12 20.77
N VAL C 67 -12.17 18.15 21.18
CA VAL C 67 -12.25 16.87 20.51
C VAL C 67 -13.68 16.56 20.12
N GLU C 68 -13.90 16.24 18.85
CA GLU C 68 -15.23 15.97 18.34
C GLU C 68 -15.17 14.81 17.35
N SER C 69 -16.25 14.07 17.25
CA SER C 69 -16.35 12.99 16.27
C SER C 69 -16.96 13.51 14.99
N GLY C 70 -16.77 12.78 13.90
CA GLY C 70 -17.40 13.14 12.65
C GLY C 70 -17.42 12.03 11.64
N GLN C 71 -18.31 12.16 10.66
CA GLN C 71 -18.44 11.22 9.56
C GLN C 71 -18.46 12.00 8.25
N GLY C 72 -18.33 11.30 7.13
CA GLY C 72 -18.44 11.94 5.83
C GLY C 72 -17.15 12.65 5.46
N LEU C 73 -17.27 13.64 4.57
CA LEU C 73 -16.09 14.37 4.10
C LEU C 73 -15.46 15.20 5.19
N LEU C 74 -14.15 15.04 5.35
CA LEU C 74 -13.42 15.89 6.29
C LEU C 74 -13.59 17.37 5.98
N VAL C 75 -13.62 17.77 4.71
CA VAL C 75 -13.71 19.20 4.42
C VAL C 75 -15.03 19.79 4.90
N ASP C 76 -16.10 18.99 4.94
CA ASP C 76 -17.36 19.46 5.47
C ASP C 76 -17.27 19.65 6.99
N PHE C 77 -16.59 18.74 7.67
CA PHE C 77 -16.35 18.88 9.10
C PHE C 77 -15.64 20.19 9.38
N VAL C 78 -14.61 20.44 8.59
CA VAL C 78 -13.77 21.65 8.76
C VAL C 78 -14.59 22.92 8.46
N ARG C 79 -15.25 22.94 7.33
CA ARG C 79 -15.99 24.15 6.90
C ARG C 79 -17.19 24.43 7.82
N GLU C 80 -17.85 23.39 8.31
CA GLU C 80 -19.03 23.59 9.18
C GLU C 80 -18.62 24.23 10.49
N ARG C 81 -17.33 24.22 10.79
CA ARG C 81 -16.83 24.82 12.02
C ARG C 81 -16.14 26.15 11.77
N GLY C 82 -16.31 26.65 10.55
CA GLY C 82 -15.79 27.95 10.16
C GLY C 82 -14.31 28.00 9.88
N LEU C 83 -13.69 26.83 9.73
CA LEU C 83 -12.25 26.79 9.51
C LEU C 83 -11.94 26.36 8.09
N ASN C 84 -10.68 26.48 7.69
CA ASN C 84 -10.30 25.92 6.38
C ASN C 84 -8.86 25.47 6.35
N ALA C 85 -8.40 24.91 7.46
CA ALA C 85 -7.08 24.29 7.51
C ALA C 85 -7.13 22.96 8.23
N ILE C 86 -6.32 22.03 7.73
CA ILE C 86 -6.10 20.70 8.34
C ILE C 86 -4.61 20.62 8.70
N VAL C 87 -4.30 20.07 9.87
CA VAL C 87 -2.90 19.83 10.29
C VAL C 87 -2.74 18.31 10.47
N LYS C 88 -1.77 17.74 9.77
CA LYS C 88 -1.58 16.27 9.71
C LYS C 88 -0.09 15.98 9.91
N GLY C 89 0.22 14.97 10.70
CA GLY C 89 1.60 14.57 10.85
C GLY C 89 2.04 13.57 9.79
N LEU C 90 3.32 13.64 9.39
CA LEU C 90 3.90 12.77 8.35
C LEU C 90 5.20 12.16 8.83
N ARG C 91 5.42 10.88 8.49
CA ARG C 91 6.66 10.21 8.86
C ARG C 91 7.62 10.03 7.69
N THR C 92 7.08 9.69 6.52
CA THR C 92 7.91 9.34 5.40
C THR C 92 7.52 10.05 4.11
N GLY C 93 8.41 9.98 3.11
CA GLY C 93 8.11 10.50 1.79
C GLY C 93 6.92 9.80 1.15
N THR C 94 6.76 8.51 1.45
CA THR C 94 5.61 7.74 0.98
C THR C 94 4.31 8.33 1.51
N ASP C 95 4.31 8.64 2.80
CA ASP C 95 3.20 9.33 3.44
C ASP C 95 2.86 10.61 2.69
N PHE C 96 3.89 11.37 2.38
CA PHE C 96 3.65 12.67 1.73
C PHE C 96 2.95 12.49 0.38
N GLU C 97 3.42 11.52 -0.43
CA GLU C 97 2.84 11.30 -1.78
C GLU C 97 1.34 10.96 -1.66
N TYR C 98 0.99 10.11 -0.74
CA TYR C 98 -0.43 9.72 -0.57
C TYR C 98 -1.27 10.90 -0.02
N GLU C 99 -0.73 11.57 0.98
CA GLU C 99 -1.49 12.66 1.58
C GLU C 99 -1.55 13.88 0.67
N LEU C 100 -0.57 14.02 -0.21
CA LEU C 100 -0.56 15.12 -1.18
C LEU C 100 -1.80 15.06 -2.04
N GLN C 101 -2.15 13.86 -2.48
CA GLN C 101 -3.29 13.71 -3.36
C GLN C 101 -4.58 14.09 -2.63
N MET C 102 -4.70 13.66 -1.40
CA MET C 102 -5.86 14.03 -0.59
C MET C 102 -5.92 15.52 -0.36
N ALA C 103 -4.76 16.11 -0.06
CA ALA C 103 -4.67 17.53 0.19
C ALA C 103 -5.09 18.34 -1.03
N GLN C 104 -4.61 17.93 -2.19
CA GLN C 104 -4.97 18.66 -3.40
C GLN C 104 -6.44 18.50 -3.73
N MET C 105 -6.98 17.30 -3.50
CA MET C 105 -8.42 17.09 -3.70
C MET C 105 -9.23 17.99 -2.76
N ASN C 106 -8.83 18.04 -1.49
CA ASN C 106 -9.58 18.80 -0.49
C ASN C 106 -9.56 20.30 -0.77
N LYS C 107 -8.44 20.79 -1.29
CA LYS C 107 -8.34 22.18 -1.65
C LYS C 107 -9.23 22.46 -2.86
N HIS C 108 -9.21 21.54 -3.82
CA HIS C 108 -10.02 21.69 -5.02
C HIS C 108 -11.51 21.75 -4.71
N ILE C 109 -11.99 20.85 -3.86
CA ILE C 109 -13.44 20.73 -3.71
C ILE C 109 -14.02 21.69 -2.68
N ALA C 110 -13.18 22.24 -1.81
CA ALA C 110 -13.70 23.00 -0.67
C ALA C 110 -12.83 24.15 -0.21
N GLY C 111 -11.69 24.36 -0.88
CA GLY C 111 -10.81 25.45 -0.52
C GLY C 111 -10.15 25.27 0.84
N VAL C 112 -10.13 24.03 1.34
CA VAL C 112 -9.52 23.73 2.64
C VAL C 112 -8.08 23.37 2.42
N ASP C 113 -7.18 24.05 3.14
CA ASP C 113 -5.74 23.81 3.01
C ASP C 113 -5.25 22.76 4.00
N THR C 114 -4.08 22.20 3.71
CA THR C 114 -3.49 21.19 4.60
C THR C 114 -2.06 21.53 4.90
N PHE C 115 -1.74 21.55 6.19
CA PHE C 115 -0.40 21.77 6.67
C PHE C 115 0.13 20.49 7.28
N PHE C 116 1.29 20.05 6.81
CA PHE C 116 1.88 18.82 7.32
C PHE C 116 3.02 19.14 8.26
N VAL C 117 3.16 18.34 9.30
CA VAL C 117 4.28 18.52 10.20
C VAL C 117 5.07 17.20 10.27
N ALA C 118 6.39 17.30 10.30
CA ALA C 118 7.25 16.14 10.41
C ALA C 118 7.16 15.53 11.77
N THR C 119 7.12 14.20 11.79
CA THR C 119 7.12 13.47 13.04
C THR C 119 8.30 13.86 13.94
N ALA C 120 8.10 13.84 15.25
CA ALA C 120 9.24 13.94 16.16
C ALA C 120 10.07 12.69 15.91
N PRO C 121 11.41 12.81 15.95
CA PRO C 121 12.26 11.65 15.68
C PRO C 121 11.95 10.44 16.52
N ALA C 122 11.65 10.63 17.81
CA ALA C 122 11.41 9.51 18.72
C ALA C 122 10.19 8.68 18.37
N TYR C 123 9.29 9.22 17.54
CA TYR C 123 8.06 8.52 17.20
C TYR C 123 7.99 8.09 15.75
N SER C 124 9.14 8.02 15.10
CA SER C 124 9.22 7.64 13.68
C SER C 124 8.57 6.29 13.38
N PHE C 125 8.60 5.39 14.35
CA PHE C 125 8.16 4.01 14.15
C PHE C 125 6.82 3.72 14.85
N VAL C 126 6.23 4.73 15.46
CA VAL C 126 5.00 4.54 16.22
C VAL C 126 3.77 4.76 15.34
N SER C 127 2.84 3.81 15.36
CA SER C 127 1.52 3.96 14.76
C SER C 127 0.51 3.25 15.63
N SER C 128 -0.76 3.63 15.55
CA SER C 128 -1.79 2.93 16.31
C SER C 128 -1.80 1.44 15.97
N SER C 129 -1.72 1.14 14.68
CA SER C 129 -1.80 -0.25 14.22
CA SER C 129 -1.79 -0.24 14.19
C SER C 129 -0.64 -1.08 14.73
N LEU C 130 0.59 -0.58 14.61
CA LEU C 130 1.73 -1.38 15.04
C LEU C 130 1.76 -1.52 16.56
N ALA C 131 1.37 -0.47 17.27
CA ALA C 131 1.33 -0.55 18.73
C ALA C 131 0.35 -1.62 19.20
N LYS C 132 -0.82 -1.68 18.57
CA LYS C 132 -1.83 -2.68 18.94
C LYS C 132 -1.31 -4.08 18.65
N GLU C 133 -0.71 -4.24 17.47
CA GLU C 133 -0.17 -5.53 17.06
C GLU C 133 0.90 -6.04 18.03
N VAL C 134 1.87 -5.19 18.32
CA VAL C 134 2.94 -5.56 19.23
C VAL C 134 2.39 -5.88 20.63
N ALA C 135 1.48 -5.06 21.14
CA ALA C 135 0.93 -5.28 22.48
C ALA C 135 0.12 -6.59 22.52
N THR C 136 -0.56 -6.91 21.43
CA THR C 136 -1.37 -8.12 21.37
C THR C 136 -0.52 -9.36 21.58
N TYR C 137 0.72 -9.31 21.12
CA TYR C 137 1.63 -10.45 21.27
C TYR C 137 2.61 -10.29 22.43
N GLY C 138 2.31 -9.37 23.34
CA GLY C 138 3.05 -9.24 24.58
C GLY C 138 4.18 -8.22 24.62
N GLY C 139 4.37 -7.48 23.54
CA GLY C 139 5.43 -6.49 23.52
C GLY C 139 5.11 -5.24 24.33
N ASP C 140 6.14 -4.62 24.89
CA ASP C 140 5.97 -3.45 25.75
C ASP C 140 5.92 -2.16 24.94
N VAL C 141 4.74 -1.55 24.86
CA VAL C 141 4.57 -0.30 24.12
C VAL C 141 4.27 0.86 25.05
N SER C 142 4.53 0.69 26.34
CA SER C 142 4.20 1.72 27.34
C SER C 142 4.91 3.06 27.11
N ALA C 143 6.05 3.05 26.43
CA ALA C 143 6.79 4.27 26.17
C ALA C 143 6.29 5.01 24.92
N LEU C 144 5.30 4.42 24.24
CA LEU C 144 4.83 4.95 22.95
C LEU C 144 3.43 5.54 23.01
N LEU C 145 2.76 5.36 24.16
CA LEU C 145 1.38 5.74 24.35
C LEU C 145 1.24 6.57 25.61
N PRO C 146 0.23 7.47 25.64
CA PRO C 146 -0.05 8.20 26.88
C PRO C 146 -0.34 7.20 28.00
N ALA C 147 0.07 7.51 29.23
CA ALA C 147 -0.03 6.58 30.35
C ALA C 147 -1.42 5.99 30.50
N SER C 148 -2.43 6.83 30.36
CA SER C 148 -3.82 6.42 30.47
C SER C 148 -4.24 5.46 29.35
N VAL C 149 -3.89 5.82 28.11
CA VAL C 149 -4.17 4.97 26.96
C VAL C 149 -3.62 3.56 27.15
N HIS C 150 -2.37 3.48 27.62
CA HIS C 150 -1.71 2.20 27.82
C HIS C 150 -2.50 1.28 28.75
N GLN C 151 -2.93 1.81 29.88
CA GLN C 151 -3.71 1.00 30.80
C GLN C 151 -5.02 0.56 30.17
N ARG C 152 -5.63 1.45 29.40
CA ARG C 152 -6.88 1.13 28.70
C ARG C 152 -6.68 0.02 27.67
N LEU C 153 -5.54 0.07 26.97
CA LEU C 153 -5.19 -0.95 26.00
C LEU C 153 -5.01 -2.32 26.65
N LEU C 154 -4.28 -2.35 27.76
CA LEU C 154 -4.10 -3.62 28.52
C LEU C 154 -5.48 -4.21 28.82
N GLY C 155 -6.40 -3.36 29.27
CA GLY C 155 -7.77 -3.80 29.55
C GLY C 155 -8.47 -4.40 28.36
N LYS C 156 -8.26 -3.87 27.15
CA LYS C 156 -8.99 -4.47 26.01
C LYS C 156 -8.39 -5.82 25.65
N LEU C 157 -7.10 -6.00 25.90
CA LEU C 157 -6.48 -7.28 25.50
C LEU C 157 -6.75 -8.33 26.57
N ARG C 158 -6.77 -7.93 27.84
CA ARG C 158 -7.09 -8.89 28.94
C ARG C 158 -8.59 -8.82 29.24
N01 I7Z D . 10.74 -12.60 -3.54
C02 I7Z D . 11.55 -12.03 -3.17
C03 I7Z D . 12.74 -11.19 -2.72
C04 I7Z D . 13.39 -10.56 -3.71
C05 I7Z D . 14.50 -9.82 -3.40
C06 I7Z D . 14.88 -9.75 -2.10
CL1 I7Z D . 16.24 -8.83 -1.76
C08 I7Z D . 14.24 -10.39 -1.08
C09 I7Z D . 13.16 -11.11 -1.43
N10 I7Z D . 12.91 -10.64 -5.03
N01 I7Z E . -7.62 8.82 -12.76
C02 I7Z E . -6.64 8.91 -13.22
C03 I7Z E . -5.27 9.16 -13.83
C04 I7Z E . -4.62 10.33 -13.58
C05 I7Z E . -3.39 10.61 -14.14
C06 I7Z E . -2.82 9.65 -14.92
CL1 I7Z E . -1.30 9.97 -15.60
C08 I7Z E . -3.44 8.47 -15.19
C09 I7Z E . -4.65 8.24 -14.66
N10 I7Z E . -5.20 11.28 -12.77
N01 I7Z F . 0.72 7.29 15.66
C02 I7Z F . 1.25 8.13 15.25
C03 I7Z F . 1.97 9.34 14.63
C04 I7Z F . 3.34 9.43 14.65
C05 I7Z F . 3.99 10.54 14.15
C06 I7Z F . 3.20 11.51 13.58
CL1 I7Z F . 3.92 12.86 12.86
C08 I7Z F . 1.85 11.42 13.51
C09 I7Z F . 1.23 10.34 14.03
N10 I7Z F . 4.08 8.43 15.26
#